data_3ROX
#
_entry.id   3ROX
#
_cell.length_a   125.849
_cell.length_b   125.849
_cell.length_c   116.368
_cell.angle_alpha   90.000
_cell.angle_beta   90.000
_cell.angle_gamma   120.000
#
_symmetry.space_group_name_H-M   'H 3 2'
#
loop_
_entity.id
_entity.type
_entity.pdbx_description
1 polymer 'Apolipoprotein A-I-binding protein'
2 non-polymer 'SULFATE ION'
3 non-polymer THEOPHYLLINE
4 water water
#
_entity_poly.entity_id   1
_entity_poly.type   'polypeptide(L)'
_entity_poly.pdbx_seq_one_letter_code
;(MSE)QQSVCRARPIWWGTQRRGSET(MSE)AGAAVKYLSQEEAQAVDQELFNEYQFSVDQL(MSE)ELAGLSCATAIAK
AYPPTS(MSE)SKSPPTVLVICGPGNNGGDGLVCARHLKLFGYQPTIYYPKRPNKPLFTGLVTQCQK(MSE)DIPFLGE
(MSE)PPEP(MSE)(MSE)VDELYELVVDAIFGFSFKGDVREPFHSILSVLSGLTVPIASIDIPSGWDVEKGNPSGIQPD
LLISLTAPKKSATHFTGRYHYLGGRFVPPALEKKYQLNLPSYPDTECVYRLQHHHHHH
;
_entity_poly.pdbx_strand_id   A
#
# COMPACT_ATOMS: atom_id res chain seq x y z
N ALA A 27 -19.56 10.52 -9.61
CA ALA A 27 -18.32 10.40 -8.78
C ALA A 27 -18.00 8.93 -8.52
N VAL A 28 -16.76 8.68 -8.11
CA VAL A 28 -16.23 7.32 -7.97
C VAL A 28 -16.80 6.62 -6.72
N LYS A 29 -16.94 5.30 -6.80
CA LYS A 29 -17.61 4.50 -5.77
C LYS A 29 -16.60 4.00 -4.76
N TYR A 30 -17.02 3.95 -3.49
CA TYR A 30 -16.21 3.47 -2.38
C TYR A 30 -16.82 2.14 -1.90
N LEU A 31 -16.00 1.11 -1.79
CA LEU A 31 -16.51 -0.27 -1.61
C LEU A 31 -16.61 -0.73 -0.18
N SER A 32 -17.49 -1.69 0.05
CA SER A 32 -17.58 -2.43 1.28
C SER A 32 -16.56 -3.53 1.21
N GLN A 33 -16.18 -4.05 2.37
CA GLN A 33 -15.30 -5.21 2.43
C GLN A 33 -15.89 -6.33 1.56
N GLU A 34 -17.21 -6.48 1.56
CA GLU A 34 -17.90 -7.55 0.85
C GLU A 34 -17.84 -7.35 -0.66
N GLU A 35 -18.03 -6.11 -1.09
CA GLU A 35 -17.96 -5.76 -2.52
C GLU A 35 -16.55 -6.01 -3.05
N ALA A 36 -15.55 -5.56 -2.29
CA ALA A 36 -14.17 -5.73 -2.69
C ALA A 36 -13.70 -7.18 -2.64
N GLN A 37 -14.08 -7.96 -1.63
CA GLN A 37 -13.78 -9.40 -1.65
C GLN A 37 -14.32 -10.02 -2.94
N ALA A 38 -15.46 -9.51 -3.42
CA ALA A 38 -16.15 -10.04 -4.63
C ALA A 38 -15.45 -9.65 -5.92
N VAL A 39 -15.06 -8.39 -5.99
CA VAL A 39 -14.37 -7.94 -7.17
C VAL A 39 -13.07 -8.72 -7.27
N ASP A 40 -12.38 -8.85 -6.15
CA ASP A 40 -11.09 -9.53 -6.12
C ASP A 40 -11.23 -10.98 -6.58
N GLN A 41 -12.26 -11.68 -6.12
CA GLN A 41 -12.45 -13.09 -6.53
C GLN A 41 -12.89 -13.28 -7.98
N GLU A 42 -13.69 -12.35 -8.53
CA GLU A 42 -13.90 -12.33 -10.01
C GLU A 42 -12.53 -12.31 -10.67
N LEU A 43 -11.68 -11.39 -10.25
CA LEU A 43 -10.47 -11.14 -10.98
C LEU A 43 -9.65 -12.42 -11.10
N PHE A 44 -9.60 -13.26 -10.06
CA PHE A 44 -8.72 -14.43 -10.09
C PHE A 44 -9.43 -15.67 -10.57
N ASN A 45 -10.73 -15.73 -10.30
CA ASN A 45 -11.49 -16.92 -10.61
C ASN A 45 -12.06 -16.84 -12.01
N GLU A 46 -12.77 -15.75 -12.33
CA GLU A 46 -13.36 -15.56 -13.67
C GLU A 46 -12.31 -15.15 -14.67
N TYR A 47 -11.75 -13.93 -14.49
CA TYR A 47 -10.83 -13.33 -15.46
C TYR A 47 -9.50 -14.11 -15.51
N GLN A 48 -9.25 -14.95 -14.49
CA GLN A 48 -8.03 -15.80 -14.33
C GLN A 48 -6.70 -15.00 -14.39
N PHE A 49 -6.80 -13.75 -13.94
CA PHE A 49 -5.62 -13.00 -13.59
C PHE A 49 -4.91 -13.72 -12.49
N SER A 50 -3.59 -13.69 -12.51
CA SER A 50 -2.78 -14.47 -11.61
C SER A 50 -2.41 -13.56 -10.47
N VAL A 51 -2.07 -14.14 -9.31
CA VAL A 51 -1.89 -13.37 -8.08
C VAL A 51 -0.72 -12.47 -8.18
N ASP A 52 0.37 -12.99 -8.69
CA ASP A 52 1.53 -12.16 -8.76
C ASP A 52 1.47 -11.15 -9.93
N GLN A 53 0.60 -11.40 -10.92
CA GLN A 53 0.41 -10.44 -12.03
C GLN A 53 -0.14 -9.15 -11.50
N LEU A 54 -1.28 -9.25 -10.83
CA LEU A 54 -1.90 -8.08 -10.22
C LEU A 54 -1.08 -7.50 -9.11
N GLU A 56 2.12 -7.38 -8.93
CA GLU A 56 3.15 -6.57 -9.59
C GLU A 56 2.61 -5.19 -9.94
N LEU A 57 1.43 -5.14 -10.53
CA LEU A 57 0.86 -3.92 -11.02
C LEU A 57 0.42 -3.10 -9.82
N ALA A 58 -0.04 -3.74 -8.76
CA ALA A 58 -0.46 -2.96 -7.58
C ALA A 58 0.72 -2.31 -6.94
N GLY A 59 1.78 -3.08 -6.81
CA GLY A 59 3.00 -2.57 -6.18
C GLY A 59 3.65 -1.51 -7.02
N LEU A 60 3.57 -1.63 -8.34
CA LEU A 60 4.09 -0.55 -9.21
C LEU A 60 3.31 0.75 -9.01
N SER A 61 2.00 0.66 -8.88
CA SER A 61 1.22 1.86 -8.66
C SER A 61 1.56 2.54 -7.37
N CYS A 62 1.73 1.73 -6.32
CA CYS A 62 2.13 2.30 -5.03
C CYS A 62 3.39 3.10 -5.21
N ALA A 63 4.40 2.44 -5.77
CA ALA A 63 5.69 3.07 -5.96
C ALA A 63 5.50 4.31 -6.78
N THR A 64 4.67 4.27 -7.82
CA THR A 64 4.44 5.40 -8.72
C THR A 64 3.71 6.53 -8.01
N ALA A 65 2.77 6.22 -7.11
CA ALA A 65 2.08 7.28 -6.32
C ALA A 65 3.04 8.00 -5.41
N ILE A 66 3.95 7.22 -4.82
CA ILE A 66 4.90 7.78 -3.84
C ILE A 66 5.86 8.69 -4.53
N ALA A 67 6.40 8.25 -5.66
CA ALA A 67 7.31 9.09 -6.45
C ALA A 67 6.68 10.38 -6.93
N LYS A 68 5.39 10.39 -7.22
CA LYS A 68 4.73 11.62 -7.68
C LYS A 68 4.38 12.56 -6.54
N ALA A 69 3.95 12.00 -5.42
CA ALA A 69 3.77 12.78 -4.19
C ALA A 69 5.09 13.30 -3.58
N TYR A 70 6.10 12.43 -3.45
CA TYR A 70 7.34 12.79 -2.78
C TYR A 70 8.51 12.48 -3.64
N PRO A 71 8.69 13.20 -4.75
CA PRO A 71 9.75 12.87 -5.70
C PRO A 71 11.09 13.25 -5.15
N PRO A 72 12.14 12.52 -5.53
CA PRO A 72 13.52 12.79 -5.07
C PRO A 72 13.99 14.25 -5.04
N THR A 73 13.80 15.00 -6.12
CA THR A 73 14.21 16.42 -6.14
C THR A 73 13.66 17.23 -4.96
N SER A 74 12.49 16.85 -4.45
CA SER A 74 11.80 17.59 -3.38
C SER A 74 12.24 17.18 -1.97
N SER A 76 15.03 15.95 0.95
CA SER A 76 16.30 16.48 1.47
C SER A 76 17.51 15.58 1.23
N LYS A 77 17.33 14.25 1.20
CA LYS A 77 18.49 13.38 0.98
C LYS A 77 18.51 12.99 -0.46
N SER A 78 19.72 12.88 -1.00
CA SER A 78 19.94 12.30 -2.30
C SER A 78 20.85 11.08 -2.08
N PRO A 79 20.30 9.83 -2.16
CA PRO A 79 18.90 9.41 -2.40
C PRO A 79 17.94 9.44 -1.17
N PRO A 80 16.72 9.89 -1.40
CA PRO A 80 15.70 9.90 -0.35
C PRO A 80 15.50 8.52 0.24
N THR A 81 15.28 8.45 1.55
CA THR A 81 15.25 7.19 2.32
C THR A 81 13.81 6.85 2.68
N VAL A 82 13.51 5.56 2.80
CA VAL A 82 12.14 5.10 3.00
C VAL A 82 12.15 3.78 3.71
N LEU A 83 11.27 3.69 4.72
CA LEU A 83 11.11 2.44 5.45
C LEU A 83 9.85 1.83 4.99
N VAL A 84 9.91 0.63 4.42
CA VAL A 84 8.67 -0.02 4.03
C VAL A 84 8.34 -1.15 4.99
N ILE A 85 7.19 -1.06 5.66
CA ILE A 85 6.81 -2.03 6.71
C ILE A 85 5.76 -2.94 6.15
N CYS A 86 6.14 -4.22 6.01
CA CYS A 86 5.30 -5.20 5.38
C CYS A 86 4.64 -6.15 6.36
N GLY A 87 3.33 -6.34 6.16
CA GLY A 87 2.53 -7.25 6.96
C GLY A 87 2.66 -8.70 6.54
N PRO A 88 1.84 -9.58 7.12
CA PRO A 88 1.98 -11.01 6.94
C PRO A 88 1.20 -11.58 5.74
N GLY A 89 0.41 -10.73 5.06
CA GLY A 89 -0.52 -11.15 4.06
C GLY A 89 -0.16 -10.35 2.82
N ASN A 90 -1.15 -10.20 1.93
CA ASN A 90 -0.96 -9.65 0.56
C ASN A 90 -0.53 -8.20 0.45
N ASN A 91 -0.97 -7.41 1.43
CA ASN A 91 -0.58 -6.03 1.56
C ASN A 91 0.95 -6.00 1.72
N GLY A 92 1.47 -6.86 2.59
CA GLY A 92 2.93 -7.02 2.74
C GLY A 92 3.56 -7.27 1.37
N GLY A 93 2.95 -8.17 0.62
CA GLY A 93 3.41 -8.45 -0.74
C GLY A 93 3.46 -7.21 -1.61
N ASP A 94 2.40 -6.42 -1.57
CA ASP A 94 2.38 -5.19 -2.36
C ASP A 94 3.51 -4.32 -1.91
N GLY A 95 3.75 -4.30 -0.60
CA GLY A 95 4.89 -3.56 -0.02
C GLY A 95 6.25 -3.98 -0.56
N LEU A 96 6.46 -5.28 -0.74
CA LEU A 96 7.75 -5.74 -1.20
C LEU A 96 7.96 -5.29 -2.60
N VAL A 97 6.90 -5.39 -3.40
CA VAL A 97 6.95 -4.98 -4.77
C VAL A 97 7.13 -3.49 -4.84
N CYS A 98 6.30 -2.74 -4.14
CA CYS A 98 6.59 -1.31 -4.03
C CYS A 98 8.08 -1.00 -3.70
N ALA A 99 8.67 -1.70 -2.74
CA ALA A 99 10.01 -1.34 -2.28
C ALA A 99 10.97 -1.46 -3.47
N ARG A 100 10.82 -2.51 -4.22
CA ARG A 100 11.73 -2.80 -5.29
C ARG A 100 11.56 -1.78 -6.41
N HIS A 101 10.34 -1.42 -6.78
CA HIS A 101 10.21 -0.28 -7.70
C HIS A 101 10.68 1.04 -7.14
N LEU A 102 10.48 1.28 -5.86
CA LEU A 102 11.02 2.49 -5.27
C LEU A 102 12.51 2.52 -5.52
N LYS A 103 13.21 1.41 -5.36
CA LYS A 103 14.65 1.39 -5.57
C LYS A 103 14.97 1.89 -6.98
N LEU A 104 14.27 1.36 -7.99
CA LEU A 104 14.52 1.68 -9.35
C LEU A 104 14.09 3.09 -9.59
N PHE A 105 13.11 3.60 -8.85
CA PHE A 105 12.70 4.98 -9.13
C PHE A 105 13.64 5.99 -8.49
N GLY A 106 14.65 5.58 -7.72
CA GLY A 106 15.64 6.55 -7.21
C GLY A 106 15.68 6.74 -5.71
N TYR A 107 14.91 5.93 -4.99
CA TYR A 107 14.88 5.93 -3.56
C TYR A 107 15.83 4.88 -2.94
N GLN A 108 16.12 5.07 -1.66
CA GLN A 108 16.93 4.15 -0.87
C GLN A 108 15.99 3.53 0.18
N PRO A 109 15.26 2.48 -0.18
CA PRO A 109 14.34 1.87 0.75
C PRO A 109 14.97 0.89 1.72
N THR A 110 14.28 0.63 2.81
CA THR A 110 14.60 -0.40 3.81
C THR A 110 13.28 -1.10 4.14
N ILE A 111 13.32 -2.42 4.30
CA ILE A 111 12.11 -3.18 4.63
C ILE A 111 12.12 -3.77 6.03
N TYR A 112 11.04 -3.62 6.78
CA TYR A 112 10.87 -4.43 8.00
C TYR A 112 9.76 -5.40 7.63
N TYR A 113 10.06 -6.69 7.63
CA TYR A 113 9.13 -7.78 7.26
C TYR A 113 9.15 -8.81 8.37
N PRO A 114 8.56 -8.50 9.51
CA PRO A 114 8.80 -9.33 10.70
C PRO A 114 8.20 -10.73 10.61
N LYS A 115 7.05 -10.89 9.94
CA LYS A 115 6.36 -12.18 9.78
C LYS A 115 6.23 -12.60 8.33
N ARG A 116 6.99 -13.62 7.92
CA ARG A 116 7.11 -13.97 6.52
C ARG A 116 6.51 -15.33 6.17
N PRO A 117 5.37 -15.33 5.44
CA PRO A 117 4.82 -16.57 4.91
C PRO A 117 5.83 -17.34 4.07
N ASN A 118 5.94 -18.63 4.35
CA ASN A 118 6.79 -19.50 3.57
C ASN A 118 6.02 -20.01 2.35
N LYS A 119 5.99 -19.21 1.29
CA LYS A 119 5.57 -19.65 -0.08
C LYS A 119 6.57 -19.09 -1.07
N PRO A 120 6.74 -19.72 -2.24
CA PRO A 120 7.58 -19.15 -3.26
C PRO A 120 7.21 -17.70 -3.58
N LEU A 121 5.95 -17.42 -3.84
CA LEU A 121 5.56 -16.02 -4.01
C LEU A 121 6.42 -15.08 -3.10
N PHE A 122 6.33 -15.29 -1.80
CA PHE A 122 6.99 -14.34 -0.89
C PHE A 122 8.52 -14.58 -0.75
N THR A 123 8.97 -15.85 -0.76
CA THR A 123 10.41 -16.10 -0.76
C THR A 123 11.10 -15.45 -1.99
N GLY A 124 10.41 -15.43 -3.15
CA GLY A 124 10.92 -14.79 -4.37
C GLY A 124 10.96 -13.29 -4.21
N LEU A 125 9.87 -12.69 -3.76
CA LEU A 125 9.93 -11.24 -3.51
C LEU A 125 11.07 -10.86 -2.49
N VAL A 126 11.27 -11.63 -1.44
CA VAL A 126 12.40 -11.36 -0.57
C VAL A 126 13.76 -11.39 -1.29
N THR A 127 14.08 -12.47 -2.08
CA THR A 127 15.41 -12.54 -2.76
C THR A 127 15.62 -11.40 -3.76
N GLN A 128 14.52 -10.99 -4.41
CA GLN A 128 14.61 -9.96 -5.43
C GLN A 128 15.15 -8.69 -4.76
N CYS A 129 14.47 -8.28 -3.71
CA CYS A 129 14.89 -7.14 -2.93
C CYS A 129 16.35 -7.29 -2.37
N GLN A 130 16.70 -8.45 -1.85
CA GLN A 130 18.07 -8.67 -1.36
C GLN A 130 19.17 -8.35 -2.39
N LYS A 131 19.07 -8.92 -3.62
CA LYS A 131 20.09 -8.71 -4.67
C LYS A 131 19.89 -7.37 -5.45
N ASP A 133 20.13 -5.06 -3.31
CA ASP A 133 20.76 -4.38 -2.13
C ASP A 133 19.80 -3.51 -1.33
N ILE A 134 18.53 -3.93 -1.27
CA ILE A 134 17.58 -3.36 -0.33
C ILE A 134 17.70 -4.12 0.97
N PRO A 135 17.89 -3.41 2.08
CA PRO A 135 18.07 -4.08 3.35
C PRO A 135 16.79 -4.42 4.12
N PHE A 136 16.86 -5.48 4.89
CA PHE A 136 15.81 -5.91 5.80
C PHE A 136 16.18 -5.67 7.25
N LEU A 137 15.47 -4.80 7.95
CA LEU A 137 15.79 -4.58 9.36
C LEU A 137 15.52 -5.86 10.15
N GLY A 138 16.46 -6.25 10.98
CA GLY A 138 16.17 -7.23 12.03
C GLY A 138 15.17 -6.80 13.10
N GLU A 139 14.99 -5.50 13.32
CA GLU A 139 13.95 -5.09 14.24
C GLU A 139 13.52 -3.65 14.01
N PRO A 141 12.90 0.09 14.98
CA PRO A 141 13.33 1.12 15.91
C PRO A 141 12.15 1.41 16.89
N PRO A 142 12.39 1.37 18.21
CA PRO A 142 11.27 1.41 19.18
C PRO A 142 10.70 2.80 19.48
N GLU A 143 11.41 3.86 19.07
CA GLU A 143 10.99 5.26 19.27
C GLU A 143 10.78 5.97 17.96
N PRO A 144 9.68 6.71 17.87
CA PRO A 144 9.33 7.46 16.65
C PRO A 144 10.41 8.43 16.21
N VAL A 147 12.97 6.62 14.00
CA VAL A 147 12.38 6.44 12.71
C VAL A 147 12.47 7.74 11.93
N ASP A 148 11.99 8.84 12.54
CA ASP A 148 12.05 10.14 11.87
C ASP A 148 13.47 10.50 11.43
N GLU A 149 14.46 10.23 12.26
CA GLU A 149 15.83 10.54 11.89
C GLU A 149 16.37 9.64 10.78
N LEU A 150 15.93 8.39 10.64
CA LEU A 150 16.54 7.48 9.69
C LEU A 150 15.82 7.51 8.30
N TYR A 151 14.55 7.86 8.29
CA TYR A 151 13.70 7.65 7.18
C TYR A 151 12.82 8.89 6.87
N GLU A 152 12.82 9.32 5.62
CA GLU A 152 12.10 10.50 5.23
C GLU A 152 10.65 10.23 4.95
N LEU A 153 10.28 8.95 4.97
CA LEU A 153 9.00 8.47 4.57
C LEU A 153 8.84 7.01 5.04
N VAL A 154 7.67 6.67 5.58
CA VAL A 154 7.37 5.31 6.00
C VAL A 154 6.21 4.78 5.19
N VAL A 155 6.35 3.57 4.65
CA VAL A 155 5.27 2.99 3.84
C VAL A 155 4.63 1.93 4.67
N ASP A 156 3.34 2.10 4.88
CA ASP A 156 2.58 1.20 5.70
C ASP A 156 1.97 0.17 4.79
N ALA A 157 2.60 -0.99 4.68
CA ALA A 157 2.00 -2.13 3.96
C ALA A 157 1.66 -3.28 4.96
N ILE A 158 1.06 -2.95 6.08
CA ILE A 158 0.83 -3.97 7.13
C ILE A 158 -0.50 -4.72 6.90
N PHE A 159 -1.62 -4.01 6.98
CA PHE A 159 -2.98 -4.59 6.77
C PHE A 159 -3.75 -3.93 5.61
N GLY A 160 -4.43 -4.75 4.81
CA GLY A 160 -5.23 -4.32 3.66
C GLY A 160 -6.67 -4.74 3.78
N PHE A 161 -7.29 -5.16 2.67
CA PHE A 161 -8.77 -5.10 2.55
C PHE A 161 -9.49 -6.22 3.30
N SER A 162 -8.81 -7.33 3.48
CA SER A 162 -9.42 -8.53 3.97
C SER A 162 -9.18 -8.57 5.46
N PHE A 163 -8.63 -7.48 6.01
CA PHE A 163 -8.27 -7.44 7.41
C PHE A 163 -9.50 -7.39 8.30
N LYS A 164 -9.48 -8.28 9.29
CA LYS A 164 -10.61 -8.53 10.21
C LYS A 164 -10.20 -8.36 11.65
N GLY A 165 -8.90 -8.32 11.90
CA GLY A 165 -8.36 -8.40 13.28
C GLY A 165 -8.84 -7.32 14.24
N ASP A 166 -8.54 -7.41 15.52
CA ASP A 166 -7.54 -8.29 16.11
C ASP A 166 -6.20 -7.97 15.50
N VAL A 167 -5.66 -6.86 15.97
CA VAL A 167 -4.31 -6.47 15.65
C VAL A 167 -3.42 -7.11 16.73
N ARG A 168 -2.68 -8.14 16.34
CA ARG A 168 -1.80 -8.82 17.28
C ARG A 168 -0.36 -8.40 17.14
N GLU A 169 0.45 -8.76 18.13
CA GLU A 169 1.87 -8.49 18.09
C GLU A 169 2.53 -9.25 16.92
N PRO A 170 3.66 -8.73 16.42
CA PRO A 170 4.34 -7.54 16.87
C PRO A 170 3.76 -6.27 16.25
N PHE A 171 2.57 -6.35 15.62
CA PHE A 171 1.99 -5.19 14.93
C PHE A 171 1.35 -4.14 15.81
N HIS A 172 0.87 -4.49 16.99
CA HIS A 172 0.32 -3.44 17.86
C HIS A 172 1.34 -2.34 18.13
N SER A 173 2.54 -2.72 18.52
CA SER A 173 3.58 -1.73 18.90
C SER A 173 4.20 -1.06 17.70
N ILE A 174 4.16 -1.69 16.53
CA ILE A 174 4.58 -1.03 15.33
C ILE A 174 3.61 0.13 15.13
N LEU A 175 2.32 -0.13 15.18
CA LEU A 175 1.33 0.92 14.91
C LEU A 175 1.41 2.00 15.97
N SER A 176 1.83 1.62 17.16
CA SER A 176 1.90 2.59 18.22
C SER A 176 3.14 3.51 18.01
N VAL A 177 4.25 2.99 17.49
CA VAL A 177 5.34 3.85 17.02
C VAL A 177 4.91 4.75 15.86
N LEU A 178 4.26 4.18 14.87
CA LEU A 178 3.82 4.96 13.74
C LEU A 178 2.96 6.19 14.08
N SER A 179 2.19 6.19 15.16
CA SER A 179 1.25 7.32 15.29
C SER A 179 1.98 8.52 15.88
N GLY A 180 3.17 8.27 16.45
CA GLY A 180 4.03 9.32 16.99
C GLY A 180 5.02 9.93 15.98
N LEU A 181 4.97 9.50 14.74
CA LEU A 181 5.92 9.93 13.73
C LEU A 181 5.69 11.36 13.32
N THR A 182 6.76 12.08 13.02
CA THR A 182 6.66 13.36 12.32
C THR A 182 6.82 13.25 10.77
N VAL A 183 7.47 12.20 10.29
CA VAL A 183 7.63 12.02 8.87
C VAL A 183 6.35 11.47 8.29
N PRO A 184 6.11 11.70 6.98
CA PRO A 184 4.85 11.19 6.44
C PRO A 184 4.75 9.63 6.38
N ILE A 185 3.52 9.15 6.57
CA ILE A 185 3.17 7.80 6.33
C ILE A 185 2.36 7.70 5.01
N ALA A 186 2.76 6.75 4.16
CA ALA A 186 2.04 6.39 2.91
C ALA A 186 1.41 5.00 3.15
N SER A 187 0.10 4.91 3.12
CA SER A 187 -0.52 3.65 3.38
C SER A 187 -1.02 3.05 2.05
N ILE A 188 -0.82 1.75 1.90
CA ILE A 188 -1.27 1.00 0.77
C ILE A 188 -2.65 0.45 1.06
N ASP A 189 -3.63 0.92 0.28
CA ASP A 189 -5.03 0.43 0.23
C ASP A 189 -5.88 0.91 1.42
N ILE A 190 -5.43 0.58 2.62
CA ILE A 190 -6.16 0.86 3.86
C ILE A 190 -5.15 1.26 4.90
N PRO A 191 -5.41 2.35 5.63
CA PRO A 191 -4.47 2.66 6.75
C PRO A 191 -4.55 1.55 7.77
N SER A 192 -3.44 0.86 7.99
CA SER A 192 -3.47 -0.34 8.81
C SER A 192 -3.87 0.04 10.22
N GLY A 193 -4.63 -0.84 10.87
CA GLY A 193 -5.32 -0.52 12.14
C GLY A 193 -6.70 0.16 12.01
N TRP A 194 -7.02 0.71 10.85
CA TRP A 194 -8.35 1.28 10.60
C TRP A 194 -9.28 0.16 10.21
N ASP A 195 -10.53 0.28 10.63
CA ASP A 195 -11.58 -0.59 10.18
C ASP A 195 -11.86 -0.33 8.68
N VAL A 196 -11.75 -1.38 7.85
CA VAL A 196 -11.79 -1.26 6.36
C VAL A 196 -12.96 -0.44 5.79
N GLU A 197 -14.09 -0.45 6.53
CA GLU A 197 -15.28 0.33 6.24
C GLU A 197 -15.38 1.64 7.04
N LYS A 198 -15.19 1.56 8.36
CA LYS A 198 -15.47 2.66 9.29
C LYS A 198 -14.27 3.60 9.58
N GLY A 199 -13.04 3.12 9.44
CA GLY A 199 -11.86 3.92 9.76
C GLY A 199 -11.41 3.71 11.20
N ASN A 200 -11.04 4.80 11.86
CA ASN A 200 -10.52 4.77 13.24
C ASN A 200 -9.98 6.15 13.54
N PRO A 201 -10.73 6.96 14.32
CA PRO A 201 -10.30 8.34 14.60
C PRO A 201 -8.99 8.46 15.35
N SER A 202 -8.70 7.44 16.17
CA SER A 202 -7.50 7.39 16.96
C SER A 202 -6.48 6.46 16.33
N GLY A 203 -6.57 6.22 15.02
CA GLY A 203 -5.62 5.35 14.32
C GLY A 203 -4.46 6.15 13.79
N ILE A 204 -3.63 5.55 12.93
CA ILE A 204 -2.55 6.29 12.29
C ILE A 204 -3.25 7.21 11.28
N GLN A 205 -2.59 8.31 10.92
CA GLN A 205 -3.20 9.33 10.08
C GLN A 205 -2.25 9.55 8.92
N PRO A 206 -2.29 8.67 7.94
CA PRO A 206 -1.34 8.84 6.85
C PRO A 206 -1.52 10.10 6.09
N ASP A 207 -0.45 10.55 5.44
CA ASP A 207 -0.44 11.69 4.54
C ASP A 207 -0.75 11.29 3.07
N LEU A 208 -0.36 10.09 2.64
CA LEU A 208 -0.66 9.55 1.28
C LEU A 208 -1.41 8.24 1.43
N LEU A 209 -2.46 8.07 0.64
CA LEU A 209 -3.17 6.80 0.61
C LEU A 209 -3.25 6.37 -0.84
N ILE A 210 -2.85 5.12 -1.12
CA ILE A 210 -3.00 4.53 -2.45
C ILE A 210 -4.13 3.55 -2.40
N SER A 211 -5.31 3.89 -2.95
CA SER A 211 -6.46 2.97 -2.94
C SER A 211 -6.25 2.05 -4.17
N LEU A 212 -6.23 0.72 -4.02
CA LEU A 212 -5.92 -0.19 -5.12
C LEU A 212 -7.21 -0.72 -5.67
N THR A 213 -7.30 -0.73 -7.01
CA THR A 213 -8.46 -1.16 -7.74
C THR A 213 -9.59 -0.17 -7.62
N ALA A 214 -10.17 -0.07 -6.42
CA ALA A 214 -11.18 0.92 -6.12
C ALA A 214 -11.04 1.28 -4.65
N PRO A 215 -11.40 2.49 -4.29
CA PRO A 215 -11.30 2.87 -2.88
C PRO A 215 -12.33 2.16 -1.98
N LYS A 216 -12.08 2.11 -0.67
CA LYS A 216 -12.92 1.41 0.30
C LYS A 216 -13.55 2.47 1.19
N LYS A 217 -14.72 2.20 1.74
CA LYS A 217 -15.49 3.25 2.43
C LYS A 217 -14.64 3.98 3.48
N SER A 218 -13.66 3.29 4.04
CA SER A 218 -12.79 3.94 5.06
C SER A 218 -12.00 5.13 4.47
N ALA A 219 -11.91 5.17 3.15
CA ALA A 219 -11.24 6.27 2.48
C ALA A 219 -12.04 7.57 2.54
N THR A 220 -13.34 7.54 2.88
CA THR A 220 -14.05 8.81 3.05
C THR A 220 -13.60 9.47 4.35
N HIS A 221 -12.98 8.72 5.28
CA HIS A 221 -12.44 9.32 6.51
C HIS A 221 -10.99 9.84 6.37
N PHE A 222 -10.36 9.55 5.25
CA PHE A 222 -9.00 10.01 5.00
C PHE A 222 -8.86 11.53 4.83
N THR A 223 -8.06 12.15 5.69
CA THR A 223 -7.79 13.58 5.61
C THR A 223 -6.32 13.93 5.42
N GLY A 224 -5.58 13.14 4.66
CA GLY A 224 -4.21 13.52 4.27
C GLY A 224 -4.21 14.26 2.93
N ARG A 225 -3.06 14.76 2.51
CA ARG A 225 -2.99 15.62 1.31
C ARG A 225 -3.08 14.86 -0.01
N TYR A 226 -2.72 13.57 -0.04
CA TYR A 226 -2.61 12.83 -1.28
C TYR A 226 -3.40 11.53 -1.24
N HIS A 227 -4.36 11.40 -2.16
CA HIS A 227 -5.09 10.16 -2.35
C HIS A 227 -5.05 9.81 -3.84
N TYR A 228 -4.35 8.73 -4.14
CA TYR A 228 -4.21 8.21 -5.50
C TYR A 228 -4.99 6.94 -5.61
N LEU A 229 -5.63 6.76 -6.76
CA LEU A 229 -6.13 5.44 -7.15
C LEU A 229 -5.07 4.64 -7.97
N GLY A 230 -4.89 3.36 -7.66
CA GLY A 230 -3.94 2.51 -8.42
C GLY A 230 -4.47 1.17 -8.78
N GLY A 231 -3.66 0.36 -9.45
CA GLY A 231 -4.17 -0.93 -9.94
C GLY A 231 -5.02 -0.73 -11.21
N ARG A 232 -4.33 -0.28 -12.24
CA ARG A 232 -4.91 -0.10 -13.58
C ARG A 232 -5.04 -1.43 -14.27
N PHE A 233 -6.02 -2.23 -13.86
CA PHE A 233 -6.19 -3.54 -14.50
C PHE A 233 -7.62 -3.98 -14.49
N VAL A 234 -8.55 -3.08 -14.21
CA VAL A 234 -9.94 -3.51 -14.09
C VAL A 234 -10.60 -3.50 -15.45
N PRO A 235 -10.96 -4.69 -15.92
CA PRO A 235 -11.70 -4.81 -17.18
C PRO A 235 -12.94 -3.95 -17.13
N PRO A 236 -13.20 -3.13 -18.16
CA PRO A 236 -14.38 -2.22 -18.16
C PRO A 236 -15.76 -2.85 -17.83
N ALA A 237 -15.96 -4.15 -18.10
CA ALA A 237 -17.25 -4.84 -17.87
C ALA A 237 -17.44 -5.12 -16.37
N LEU A 238 -16.31 -5.28 -15.68
CA LEU A 238 -16.32 -5.33 -14.23
C LEU A 238 -16.68 -3.96 -13.64
N GLU A 239 -16.07 -2.91 -14.16
CA GLU A 239 -16.38 -1.55 -13.73
C GLU A 239 -17.88 -1.21 -13.94
N LYS A 240 -18.43 -1.68 -15.04
CA LYS A 240 -19.81 -1.40 -15.39
C LYS A 240 -20.75 -2.27 -14.52
N LYS A 241 -20.31 -3.48 -14.24
CA LYS A 241 -21.10 -4.44 -13.45
C LYS A 241 -21.29 -3.96 -12.02
N TYR A 242 -20.18 -3.71 -11.33
CA TYR A 242 -20.18 -3.19 -9.98
C TYR A 242 -20.20 -1.66 -9.94
N GLN A 243 -20.61 -1.02 -11.04
CA GLN A 243 -20.81 0.44 -11.05
C GLN A 243 -19.71 1.20 -10.28
N LEU A 244 -18.45 0.90 -10.60
CA LEU A 244 -17.32 1.53 -9.93
C LEU A 244 -17.08 2.97 -10.33
N ASN A 245 -17.63 3.42 -11.46
CA ASN A 245 -17.43 4.81 -11.91
C ASN A 245 -15.96 5.18 -11.77
N LEU A 246 -15.09 4.30 -12.19
CA LEU A 246 -13.68 4.60 -12.12
C LEU A 246 -13.43 5.82 -13.00
N PRO A 247 -12.70 6.80 -12.47
CA PRO A 247 -12.25 7.88 -13.32
C PRO A 247 -11.26 7.38 -14.38
N SER A 248 -11.02 8.23 -15.38
CA SER A 248 -10.09 7.95 -16.45
C SER A 248 -8.66 8.29 -16.09
N TYR A 249 -7.86 7.26 -15.90
CA TYR A 249 -6.43 7.42 -15.72
C TYR A 249 -5.91 8.17 -16.96
N PRO A 250 -5.01 9.15 -16.79
CA PRO A 250 -4.49 9.81 -17.99
C PRO A 250 -3.43 9.00 -18.76
N ASP A 251 -3.50 9.12 -20.08
CA ASP A 251 -2.62 8.45 -21.01
C ASP A 251 -2.20 7.03 -20.54
N THR A 252 -0.94 6.86 -20.18
CA THR A 252 -0.43 5.54 -19.91
C THR A 252 -0.13 5.33 -18.42
N GLU A 253 -0.61 6.26 -17.59
CA GLU A 253 -0.31 6.28 -16.17
C GLU A 253 -1.02 5.14 -15.47
N CYS A 254 -0.38 4.58 -14.45
CA CYS A 254 -0.99 3.54 -13.64
C CYS A 254 -1.55 4.11 -12.33
N VAL A 255 -1.54 5.44 -12.16
CA VAL A 255 -2.23 6.09 -11.03
C VAL A 255 -2.99 7.34 -11.42
N TYR A 256 -3.96 7.72 -10.58
CA TYR A 256 -4.77 8.89 -10.79
C TYR A 256 -5.01 9.57 -9.45
N ARG A 257 -4.77 10.86 -9.40
CA ARG A 257 -4.99 11.61 -8.17
C ARG A 257 -6.46 11.93 -7.95
N LEU A 258 -7.05 11.44 -6.85
CA LEU A 258 -8.46 11.72 -6.48
C LEU A 258 -8.54 12.98 -5.66
N GLN A 259 -9.54 13.83 -5.90
CA GLN A 259 -9.73 15.06 -5.08
C GLN A 259 -11.14 15.50 -5.24
#